data_9CCC
#
_entry.id   9CCC
#
_cell.length_a   91.042
_cell.length_b   91.042
_cell.length_c   122.616
_cell.angle_alpha   90.000
_cell.angle_beta   90.000
_cell.angle_gamma   120.000
#
_symmetry.space_group_name_H-M   'P 32 2 1'
#
loop_
_entity.id
_entity.type
_entity.pdbx_description
1 polymer 'Dihydroorotate dehydrogenase (quinone), mitochondrial'
2 non-polymer 'OROTIC ACID'
3 non-polymer N-{4-[(3-aminophenyl)ethynyl]phenyl}acetamide
4 non-polymer 'SULFATE ION'
5 non-polymer GLYCEROL
6 non-polymer 'CHLORIDE ION'
7 non-polymer 'FLAVIN MONONUCLEOTIDE'
8 water water
#
_entity_poly.entity_id   1
_entity_poly.type   'polypeptide(L)'
_entity_poly.pdbx_seq_one_letter_code
;SMATGDERFYAEHLMPTLQGLLDPESAHRLAVRFTSLGLLPRARFQDSDMLEVRVLGHKFRNPVGIAAGFDKHGEAVDGL
YKMGFGFVEIGSVTPKPQEGNPRPRVFRLPEDQAVINRYGFNSHGLSVVEHRLRARQQKQAKLTEDGLPLGVNLGKNKTS
VDAAEDYAEGVRVLGPLADYLVVNVSSPNTAGLRSLQGKAELRRLLTKVLQERDGLRRVHRPAVLVKIAPDLTSQDKEDI
ASVVKELGIDGLIVTNTTVSRPAGLQGALRSETGGLSGKPLRDLSTQTIREMYALTQGRVPIIGVGGVSSGQDALEKIRA
GASLVQLYTALTFWGPPVVGKVKRELEALLKEQGFGGVTDAIGADHRR
;
_entity_poly.pdbx_strand_id   A
#
loop_
_chem_comp.id
_chem_comp.type
_chem_comp.name
_chem_comp.formula
A1AVV non-polymer N-{4-[(3-aminophenyl)ethynyl]phenyl}acetamide 'C16 H14 N2 O'
CL non-polymer 'CHLORIDE ION' 'Cl -1'
FMN non-polymer 'FLAVIN MONONUCLEOTIDE' 'C17 H21 N4 O9 P'
GOL non-polymer GLYCEROL 'C3 H8 O3'
ORO non-polymer 'OROTIC ACID' 'C5 H4 N2 O4'
SO4 non-polymer 'SULFATE ION' 'O4 S -2'
#
# COMPACT_ATOMS: atom_id res chain seq x y z
N THR A 4 -12.93 -23.12 1.63
CA THR A 4 -13.14 -21.69 1.95
C THR A 4 -13.86 -21.54 3.29
N GLY A 5 -15.19 -21.68 3.32
CA GLY A 5 -15.99 -21.51 4.54
C GLY A 5 -16.36 -20.05 4.77
N ASP A 6 -15.60 -19.40 5.64
CA ASP A 6 -15.83 -17.98 5.85
C ASP A 6 -15.68 -17.19 4.55
N GLU A 7 -14.75 -17.62 3.68
CA GLU A 7 -14.49 -16.87 2.46
C GLU A 7 -15.76 -16.76 1.63
N ARG A 8 -16.50 -17.86 1.50
CA ARG A 8 -17.69 -17.90 0.69
C ARG A 8 -18.80 -17.06 1.31
N PHE A 9 -19.00 -17.19 2.62
CA PHE A 9 -20.02 -16.40 3.30
C PHE A 9 -19.78 -14.91 3.13
N TYR A 10 -18.53 -14.48 3.30
CA TYR A 10 -18.22 -13.06 3.17
C TYR A 10 -18.35 -12.60 1.73
N ALA A 11 -17.76 -13.35 0.81
CA ALA A 11 -17.75 -12.89 -0.60
C ALA A 11 -19.14 -12.95 -1.25
N GLU A 12 -19.93 -13.96 -0.92
CA GLU A 12 -21.21 -14.11 -1.64
C GLU A 12 -22.41 -13.60 -0.82
N HIS A 13 -22.25 -13.33 0.47
CA HIS A 13 -23.44 -12.93 1.27
C HIS A 13 -23.21 -11.66 2.09
N LEU A 14 -22.20 -11.69 2.94
CA LEU A 14 -22.04 -10.57 3.90
C LEU A 14 -21.67 -9.27 3.18
N MET A 15 -20.55 -9.29 2.51
CA MET A 15 -20.07 -8.03 1.88
C MET A 15 -21.17 -7.45 0.97
N PRO A 16 -21.79 -8.23 0.06
CA PRO A 16 -22.89 -7.71 -0.76
C PRO A 16 -24.03 -7.09 0.07
N THR A 17 -24.31 -7.66 1.23
CA THR A 17 -25.38 -7.12 2.10
C THR A 17 -24.92 -5.76 2.63
N LEU A 18 -23.74 -5.72 3.26
CA LEU A 18 -23.18 -4.45 3.78
C LEU A 18 -23.14 -3.40 2.65
N GLN A 19 -22.82 -3.81 1.43
CA GLN A 19 -22.70 -2.81 0.34
C GLN A 19 -24.06 -2.18 -0.03
N GLY A 20 -25.14 -2.94 0.11
CA GLY A 20 -26.48 -2.41 -0.20
C GLY A 20 -27.02 -1.57 0.93
N LEU A 21 -26.42 -1.70 2.12
CA LEU A 21 -26.88 -0.95 3.30
C LEU A 21 -26.04 0.32 3.53
N LEU A 22 -24.78 0.33 3.12
CA LEU A 22 -23.88 1.47 3.49
C LEU A 22 -23.17 2.07 2.27
N ASP A 23 -23.09 3.34 2.13
N ASP A 23 -23.05 3.40 2.25
CA ASP A 23 -22.25 3.98 1.13
CA ASP A 23 -22.25 4.06 1.18
C ASP A 23 -20.79 3.61 1.38
C ASP A 23 -20.81 3.58 1.36
N PRO A 24 -19.94 3.71 0.35
CA PRO A 24 -18.53 3.33 0.53
C PRO A 24 -17.82 3.97 1.73
N GLU A 25 -18.00 5.26 2.02
CA GLU A 25 -17.24 5.88 3.10
C GLU A 25 -17.74 5.45 4.48
N SER A 26 -19.06 5.28 4.64
CA SER A 26 -19.58 4.74 5.89
C SER A 26 -19.04 3.34 6.13
N ALA A 27 -19.07 2.50 5.09
CA ALA A 27 -18.54 1.15 5.19
C ALA A 27 -17.08 1.18 5.63
N HIS A 28 -16.28 2.02 4.97
CA HIS A 28 -14.89 2.23 5.34
C HIS A 28 -14.76 2.60 6.82
N ARG A 29 -15.50 3.62 7.25
CA ARG A 29 -15.41 4.08 8.64
C ARG A 29 -15.79 2.98 9.62
N LEU A 30 -16.82 2.19 9.29
CA LEU A 30 -17.24 1.12 10.20
C LEU A 30 -16.23 -0.04 10.20
N ALA A 31 -15.60 -0.31 9.06
CA ALA A 31 -14.55 -1.33 8.97
C ALA A 31 -13.35 -0.97 9.83
N VAL A 32 -12.98 0.31 9.85
CA VAL A 32 -11.86 0.76 10.68
C VAL A 32 -12.17 0.57 12.15
N ARG A 33 -13.39 0.95 12.56
CA ARG A 33 -13.79 0.78 13.95
C ARG A 33 -13.75 -0.68 14.37
N PHE A 34 -14.42 -1.55 13.60
CA PHE A 34 -14.48 -2.96 13.95
C PHE A 34 -13.09 -3.57 13.99
N THR A 35 -12.23 -3.16 13.06
CA THR A 35 -10.86 -3.75 12.95
C THR A 35 -10.05 -3.34 14.19
N SER A 36 -10.16 -2.08 14.59
CA SER A 36 -9.44 -1.57 15.79
C SER A 36 -9.96 -2.29 17.03
N LEU A 37 -11.19 -2.76 16.95
CA LEU A 37 -11.80 -3.42 18.13
C LEU A 37 -11.48 -4.93 18.11
N GLY A 38 -10.79 -5.43 17.08
CA GLY A 38 -10.53 -6.86 17.02
C GLY A 38 -11.71 -7.72 16.61
N LEU A 39 -12.76 -7.11 16.05
CA LEU A 39 -13.97 -7.83 15.64
C LEU A 39 -13.76 -8.35 14.21
N LEU A 40 -13.05 -9.46 14.12
CA LEU A 40 -12.53 -9.97 12.86
C LEU A 40 -12.83 -11.46 12.77
N PRO A 41 -13.09 -11.99 11.56
CA PRO A 41 -13.29 -13.44 11.44
C PRO A 41 -12.17 -14.21 12.11
N ARG A 42 -12.54 -15.28 12.81
CA ARG A 42 -11.59 -16.06 13.60
C ARG A 42 -10.60 -16.80 12.73
N PHE A 45 -5.17 -19.67 8.48
CA PHE A 45 -3.92 -19.84 7.70
C PHE A 45 -2.69 -19.71 8.61
N GLN A 46 -1.93 -20.79 8.74
CA GLN A 46 -0.68 -20.77 9.54
C GLN A 46 0.45 -20.26 8.66
N ASP A 47 1.19 -19.26 9.16
CA ASP A 47 2.34 -18.77 8.39
C ASP A 47 3.36 -19.88 8.24
N SER A 48 3.86 -19.97 6.98
CA SER A 48 4.85 -20.99 6.58
C SER A 48 6.16 -20.29 6.24
N ASP A 49 7.26 -21.02 6.28
CA ASP A 49 8.61 -20.43 6.00
C ASP A 49 8.73 -19.99 4.52
N MET A 50 7.91 -20.57 3.64
CA MET A 50 7.95 -20.22 2.20
C MET A 50 7.56 -18.75 1.95
N LEU A 51 6.72 -18.16 2.81
CA LEU A 51 6.21 -16.82 2.55
C LEU A 51 7.09 -15.72 3.15
N GLU A 52 8.10 -16.09 3.92
CA GLU A 52 8.92 -15.10 4.59
C GLU A 52 9.80 -14.38 3.58
N VAL A 53 9.85 -13.04 3.68
CA VAL A 53 10.71 -12.22 2.84
C VAL A 53 11.57 -11.34 3.75
N ARG A 54 12.83 -11.17 3.36
CA ARG A 54 13.73 -10.24 4.07
C ARG A 54 14.14 -9.12 3.12
N VAL A 55 13.71 -7.90 3.41
CA VAL A 55 13.96 -6.75 2.51
C VAL A 55 13.80 -5.46 3.31
N LEU A 56 14.35 -4.36 2.82
CA LEU A 56 14.27 -3.04 3.49
C LEU A 56 14.83 -3.18 4.91
N GLY A 57 15.72 -4.15 5.10
CA GLY A 57 16.38 -4.35 6.40
C GLY A 57 15.46 -5.00 7.41
N HIS A 58 14.43 -5.68 6.93
CA HIS A 58 13.42 -6.28 7.85
C HIS A 58 12.95 -7.67 7.43
N LYS A 59 12.47 -8.43 8.39
CA LYS A 59 11.85 -9.74 8.09
C LYS A 59 10.36 -9.49 7.89
N PHE A 60 9.79 -10.05 6.84
CA PHE A 60 8.33 -9.96 6.62
C PHE A 60 7.80 -11.41 6.70
N ARG A 61 7.02 -11.72 7.74
CA ARG A 61 6.49 -13.09 7.92
C ARG A 61 5.76 -13.54 6.65
N ASN A 62 4.99 -12.65 6.03
CA ASN A 62 4.43 -12.97 4.73
C ASN A 62 4.44 -11.70 3.88
N PRO A 63 4.35 -11.84 2.56
CA PRO A 63 4.53 -10.71 1.65
C PRO A 63 3.27 -9.91 1.33
N VAL A 64 2.18 -10.12 2.06
CA VAL A 64 0.87 -9.55 1.74
C VAL A 64 0.56 -8.45 2.75
N GLY A 65 0.62 -7.20 2.31
CA GLY A 65 0.35 -6.08 3.20
C GLY A 65 -0.94 -5.34 2.89
N ILE A 66 -1.39 -4.52 3.83
CA ILE A 66 -2.53 -3.64 3.60
C ILE A 66 -1.99 -2.31 3.07
N ALA A 67 -2.49 -1.90 1.89
CA ALA A 67 -1.99 -0.68 1.26
C ALA A 67 -2.42 0.55 2.04
N ALA A 68 -1.74 1.67 1.76
CA ALA A 68 -2.12 2.95 2.33
C ALA A 68 -3.56 3.29 1.97
N GLY A 69 -4.19 4.08 2.83
CA GLY A 69 -5.50 4.61 2.58
C GLY A 69 -6.61 3.92 3.34
N PHE A 70 -6.40 2.66 3.69
CA PHE A 70 -7.42 2.01 4.57
C PHE A 70 -7.31 2.59 5.99
N ASP A 71 -6.12 2.52 6.58
CA ASP A 71 -5.87 3.03 7.95
C ASP A 71 -5.07 4.34 7.84
N LYS A 72 -5.71 5.40 7.36
CA LYS A 72 -5.00 6.69 7.15
C LYS A 72 -4.46 7.29 8.46
N HIS A 73 -5.15 7.10 9.58
CA HIS A 73 -4.80 7.79 10.86
C HIS A 73 -4.13 6.89 11.91
N GLY A 74 -3.89 5.62 11.56
CA GLY A 74 -3.21 4.68 12.46
C GLY A 74 -4.06 4.14 13.60
N GLU A 75 -5.34 3.88 13.36
CA GLU A 75 -6.25 3.45 14.45
C GLU A 75 -6.45 1.93 14.50
N ALA A 76 -6.08 1.18 13.46
CA ALA A 76 -6.42 -0.27 13.42
C ALA A 76 -5.20 -1.16 13.19
N VAL A 77 -4.00 -0.66 13.42
CA VAL A 77 -2.75 -1.40 13.07
C VAL A 77 -2.78 -2.84 13.65
N ASP A 78 -3.10 -2.99 14.92
CA ASP A 78 -3.09 -4.31 15.59
C ASP A 78 -4.15 -5.23 14.95
N GLY A 79 -5.33 -4.69 14.70
CA GLY A 79 -6.42 -5.47 14.07
C GLY A 79 -6.03 -5.95 12.70
N LEU A 80 -5.25 -5.17 11.98
CA LEU A 80 -4.77 -5.57 10.62
C LEU A 80 -3.75 -6.71 10.68
N TYR A 81 -2.90 -6.75 11.70
CA TYR A 81 -2.00 -7.94 11.87
C TYR A 81 -2.87 -9.17 12.22
N LYS A 82 -3.90 -8.94 13.02
CA LYS A 82 -4.82 -10.04 13.39
C LYS A 82 -5.49 -10.60 12.12
N MET A 83 -5.81 -9.73 11.16
CA MET A 83 -6.42 -10.14 9.86
C MET A 83 -5.41 -10.95 9.05
N GLY A 84 -4.13 -10.91 9.41
CA GLY A 84 -3.12 -11.75 8.75
C GLY A 84 -2.19 -11.01 7.80
N PHE A 85 -2.21 -9.68 7.78
CA PHE A 85 -1.24 -8.95 6.92
C PHE A 85 0.18 -9.13 7.46
N GLY A 86 1.13 -9.43 6.56
CA GLY A 86 2.55 -9.56 6.96
C GLY A 86 3.15 -8.20 7.30
N PHE A 87 2.50 -7.13 6.86
CA PHE A 87 2.97 -5.75 7.13
C PHE A 87 1.82 -4.76 6.96
N VAL A 88 1.89 -3.65 7.69
CA VAL A 88 0.81 -2.63 7.63
C VAL A 88 1.38 -1.28 7.22
N GLU A 89 0.71 -0.61 6.30
CA GLU A 89 1.11 0.77 5.94
C GLU A 89 -0.03 1.72 6.35
N ILE A 90 0.26 2.72 7.15
CA ILE A 90 -0.78 3.71 7.52
C ILE A 90 -0.59 5.00 6.70
N GLY A 91 -1.55 5.90 6.75
CA GLY A 91 -1.51 7.14 5.96
C GLY A 91 -2.44 7.06 4.76
N SER A 92 -2.34 8.02 3.85
N SER A 92 -2.41 8.07 3.89
CA SER A 92 -1.33 9.12 3.87
CA SER A 92 -1.31 9.07 3.92
C SER A 92 -1.56 10.09 5.04
C SER A 92 -1.55 10.11 5.02
N VAL A 93 -0.48 10.46 5.75
CA VAL A 93 -0.61 11.46 6.86
C VAL A 93 -0.05 12.82 6.41
N THR A 94 -0.76 13.89 6.71
CA THR A 94 -0.35 15.24 6.28
C THR A 94 0.20 16.03 7.49
N PRO A 95 1.10 17.00 7.31
CA PRO A 95 1.70 17.70 8.46
C PRO A 95 0.62 18.23 9.42
N LYS A 96 -0.27 19.04 8.90
CA LYS A 96 -1.40 19.57 9.70
C LYS A 96 -2.69 18.79 9.37
N PRO A 97 -3.65 18.73 10.32
CA PRO A 97 -4.93 18.07 10.08
C PRO A 97 -5.68 18.77 8.93
N GLN A 98 -6.33 18.00 8.07
CA GLN A 98 -7.16 18.61 7.04
C GLN A 98 -8.33 17.69 6.71
N GLU A 99 -9.45 18.29 6.36
CA GLU A 99 -10.70 17.53 6.23
C GLU A 99 -10.80 16.76 4.93
N GLY A 100 -10.11 17.15 3.88
CA GLY A 100 -10.25 16.48 2.61
C GLY A 100 -11.42 17.03 1.80
N ASN A 101 -11.72 16.32 0.71
CA ASN A 101 -12.73 16.79 -0.23
C ASN A 101 -14.13 16.66 0.36
N PRO A 102 -15.12 17.43 -0.12
CA PRO A 102 -16.50 17.26 0.34
C PRO A 102 -17.15 15.93 -0.08
N ARG A 103 -18.07 15.41 0.72
CA ARG A 103 -18.74 14.11 0.44
C ARG A 103 -19.96 14.29 -0.47
N PRO A 104 -20.24 13.34 -1.38
CA PRO A 104 -19.54 12.05 -1.45
C PRO A 104 -18.18 12.07 -2.18
N ARG A 105 -17.24 11.21 -1.76
CA ARG A 105 -15.91 11.25 -2.36
C ARG A 105 -15.33 9.85 -2.54
N VAL A 106 -16.18 8.83 -2.47
CA VAL A 106 -15.81 7.42 -2.58
C VAL A 106 -16.94 6.69 -3.30
N PHE A 107 -16.60 5.94 -4.34
CA PHE A 107 -17.60 5.41 -5.26
C PHE A 107 -17.29 3.97 -5.63
N ARG A 108 -18.33 3.15 -5.63
CA ARG A 108 -18.22 1.72 -5.86
C ARG A 108 -18.55 1.43 -7.32
N LEU A 109 -17.77 0.54 -7.93
CA LEU A 109 -18.04 0.05 -9.29
C LEU A 109 -18.12 -1.47 -9.16
N PRO A 110 -19.23 -2.00 -8.64
CA PRO A 110 -19.29 -3.45 -8.39
C PRO A 110 -19.10 -4.28 -9.66
N GLU A 111 -19.64 -3.84 -10.80
CA GLU A 111 -19.54 -4.64 -12.02
C GLU A 111 -18.10 -4.75 -12.52
N ASP A 112 -17.20 -3.94 -12.00
CA ASP A 112 -15.78 -3.92 -12.45
C ASP A 112 -14.86 -4.36 -11.31
N GLN A 113 -15.42 -4.66 -10.13
CA GLN A 113 -14.60 -4.95 -8.93
C GLN A 113 -13.62 -3.78 -8.77
N ALA A 114 -14.17 -2.57 -8.81
CA ALA A 114 -13.34 -1.36 -8.77
C ALA A 114 -13.94 -0.29 -7.86
N VAL A 115 -13.10 0.63 -7.43
CA VAL A 115 -13.51 1.76 -6.61
C VAL A 115 -12.90 3.01 -7.23
N ILE A 116 -13.61 4.14 -7.12
CA ILE A 116 -13.02 5.46 -7.49
C ILE A 116 -13.10 6.27 -6.21
N ASN A 117 -11.99 6.91 -5.85
CA ASN A 117 -11.96 7.74 -4.64
C ASN A 117 -11.31 9.09 -4.89
N ARG A 118 -11.82 10.12 -4.22
CA ARG A 118 -11.20 11.47 -4.25
C ARG A 118 -11.26 12.02 -2.82
N TYR A 119 -10.77 11.24 -1.86
CA TYR A 119 -10.73 11.68 -0.45
C TYR A 119 -10.05 13.06 -0.29
N GLY A 120 -8.94 13.28 -0.99
CA GLY A 120 -8.21 14.55 -0.86
C GLY A 120 -7.36 14.64 0.40
N PHE A 121 -6.76 13.53 0.79
CA PHE A 121 -5.82 13.44 1.94
C PHE A 121 -6.50 13.95 3.21
N ASN A 122 -7.66 13.39 3.53
CA ASN A 122 -8.31 13.68 4.83
C ASN A 122 -7.29 13.12 5.84
N SER A 123 -6.83 13.90 6.79
CA SER A 123 -5.80 13.42 7.74
C SER A 123 -5.97 14.05 9.13
N HIS A 124 -5.74 13.28 10.20
CA HIS A 124 -5.71 13.74 11.61
C HIS A 124 -4.44 14.60 11.79
N GLY A 125 -3.44 14.48 10.92
CA GLY A 125 -2.24 15.27 11.05
C GLY A 125 -1.13 14.51 11.79
N LEU A 126 0.10 14.98 11.60
CA LEU A 126 1.26 14.32 12.19
C LEU A 126 1.14 14.18 13.70
N SER A 127 0.74 15.26 14.40
CA SER A 127 0.80 15.26 15.86
C SER A 127 -0.14 14.21 16.44
N VAL A 128 -1.40 14.18 15.97
CA VAL A 128 -2.33 13.16 16.44
C VAL A 128 -1.81 11.77 16.16
N VAL A 129 -1.37 11.53 14.92
CA VAL A 129 -0.86 10.20 14.58
C VAL A 129 0.39 9.87 15.37
N GLU A 130 1.23 10.87 15.64
CA GLU A 130 2.45 10.64 16.44
C GLU A 130 2.13 10.04 17.80
N HIS A 131 1.17 10.62 18.52
CA HIS A 131 0.85 10.10 19.84
C HIS A 131 0.14 8.76 19.75
N ARG A 132 -0.68 8.57 18.72
CA ARG A 132 -1.34 7.27 18.53
C ARG A 132 -0.29 6.17 18.41
N LEU A 133 0.75 6.40 17.61
CA LEU A 133 1.80 5.40 17.47
C LEU A 133 2.64 5.33 18.72
N ARG A 134 2.84 6.46 19.40
CA ARG A 134 3.66 6.41 20.61
C ARG A 134 3.03 5.52 21.67
N ALA A 135 1.69 5.50 21.76
CA ALA A 135 1.07 4.73 22.83
C ALA A 135 1.27 3.22 22.65
N ARG A 136 1.70 2.80 21.46
CA ARG A 136 1.94 1.38 21.19
C ARG A 136 3.34 1.17 20.60
N GLN A 137 4.27 2.08 20.87
CA GLN A 137 5.58 2.01 20.23
C GLN A 137 6.31 0.71 20.55
N GLN A 138 6.26 0.25 21.81
CA GLN A 138 7.07 -0.91 22.17
C GLN A 138 6.39 -2.22 21.77
N LYS A 139 5.07 -2.25 21.81
CA LYS A 139 4.33 -3.34 21.18
C LYS A 139 4.69 -3.48 19.70
N GLN A 140 4.80 -2.35 19.00
CA GLN A 140 5.21 -2.41 17.59
C GLN A 140 6.66 -2.89 17.45
N ALA A 141 7.54 -2.49 18.38
CA ALA A 141 8.92 -2.98 18.32
C ALA A 141 8.97 -4.50 18.37
N LYS A 142 8.16 -5.10 19.23
CA LYS A 142 8.11 -6.57 19.28
C LYS A 142 7.53 -7.15 17.99
N LEU A 143 6.52 -6.49 17.42
CA LEU A 143 5.93 -7.01 16.19
C LEU A 143 6.96 -7.02 15.06
N THR A 144 7.61 -5.86 14.85
CA THR A 144 8.68 -5.74 13.86
C THR A 144 9.71 -6.86 14.02
N GLU A 145 10.22 -7.05 15.24
CA GLU A 145 11.19 -8.11 15.50
C GLU A 145 10.64 -9.48 15.13
N ASP A 146 9.33 -9.69 15.30
CA ASP A 146 8.67 -10.93 14.91
C ASP A 146 8.30 -10.99 13.43
N GLY A 147 8.76 -10.04 12.61
CA GLY A 147 8.49 -10.09 11.18
C GLY A 147 7.20 -9.42 10.74
N LEU A 148 6.66 -8.48 11.52
CA LEU A 148 5.41 -7.79 11.22
C LEU A 148 5.66 -6.29 11.21
N PRO A 149 6.33 -5.78 10.18
CA PRO A 149 6.79 -4.39 10.20
C PRO A 149 5.66 -3.40 9.92
N LEU A 150 5.96 -2.11 10.15
CA LEU A 150 5.02 -1.01 10.01
C LEU A 150 5.56 0.05 9.06
N GLY A 151 4.75 0.48 8.11
CA GLY A 151 5.13 1.55 7.20
C GLY A 151 4.22 2.74 7.42
N VAL A 152 4.77 3.92 7.20
CA VAL A 152 4.05 5.17 7.35
C VAL A 152 4.16 5.95 6.05
N ASN A 153 3.01 6.32 5.50
CA ASN A 153 2.91 6.99 4.21
C ASN A 153 2.70 8.47 4.46
N LEU A 154 3.57 9.29 3.87
CA LEU A 154 3.63 10.71 4.17
C LEU A 154 3.02 11.53 3.04
N GLY A 155 2.12 12.44 3.40
CA GLY A 155 1.53 13.34 2.41
C GLY A 155 1.84 14.81 2.63
N LYS A 156 1.16 15.66 1.90
CA LYS A 156 1.38 17.12 1.98
C LYS A 156 0.02 17.82 2.10
N ASN A 157 0.01 18.93 2.81
CA ASN A 157 -1.25 19.67 3.01
C ASN A 157 -1.65 20.32 1.69
N LYS A 158 -2.95 20.40 1.45
CA LYS A 158 -3.47 21.04 0.26
C LYS A 158 -2.84 22.42 0.04
N THR A 159 -2.75 23.22 1.09
CA THR A 159 -2.36 24.63 0.99
C THR A 159 -0.87 24.89 1.16
N SER A 160 -0.06 23.89 1.50
CA SER A 160 1.35 24.14 1.76
C SER A 160 2.00 24.87 0.59
N VAL A 161 3.05 25.63 0.90
CA VAL A 161 3.81 26.36 -0.11
C VAL A 161 5.22 25.80 -0.30
N ASP A 162 5.57 24.72 0.38
CA ASP A 162 6.89 24.09 0.26
C ASP A 162 6.67 22.57 0.43
N ALA A 163 6.41 21.90 -0.68
CA ALA A 163 6.08 20.47 -0.63
C ALA A 163 7.17 19.66 0.04
N ALA A 164 8.44 20.02 -0.20
CA ALA A 164 9.55 19.24 0.33
C ALA A 164 9.65 19.37 1.84
N GLU A 165 9.28 20.52 2.39
CA GLU A 165 9.28 20.69 3.83
C GLU A 165 8.15 19.92 4.49
N ASP A 166 7.00 19.80 3.82
CA ASP A 166 5.93 18.95 4.33
C ASP A 166 6.44 17.53 4.52
N TYR A 167 7.09 16.97 3.49
CA TYR A 167 7.64 15.62 3.63
C TYR A 167 8.75 15.56 4.69
N ALA A 168 9.56 16.63 4.79
CA ALA A 168 10.65 16.62 5.77
C ALA A 168 10.09 16.61 7.19
N GLU A 169 9.02 17.37 7.42
CA GLU A 169 8.38 17.34 8.73
C GLU A 169 7.82 15.96 9.02
N GLY A 170 7.29 15.29 7.99
CA GLY A 170 6.83 13.92 8.18
C GLY A 170 7.94 12.97 8.56
N VAL A 171 9.10 13.10 7.91
CA VAL A 171 10.23 12.22 8.25
C VAL A 171 10.61 12.43 9.70
N ARG A 172 10.70 13.70 10.11
CA ARG A 172 11.13 14.02 11.47
C ARG A 172 10.16 13.49 12.50
N VAL A 173 8.85 13.69 12.27
CA VAL A 173 7.86 13.40 13.30
C VAL A 173 7.51 11.91 13.36
N LEU A 174 7.29 11.22 12.23
CA LEU A 174 6.84 9.79 12.24
C LEU A 174 7.94 8.80 11.81
N GLY A 175 8.98 9.28 11.14
CA GLY A 175 10.14 8.44 10.83
C GLY A 175 10.64 7.62 12.01
N PRO A 176 10.83 8.22 13.22
CA PRO A 176 11.28 7.49 14.42
C PRO A 176 10.35 6.36 14.89
N LEU A 177 9.12 6.32 14.40
CA LEU A 177 8.15 5.28 14.81
C LEU A 177 7.92 4.29 13.66
N ALA A 178 8.62 4.49 12.53
CA ALA A 178 8.33 3.63 11.36
C ALA A 178 9.49 2.74 10.93
N ASP A 179 9.14 1.61 10.34
CA ASP A 179 10.17 0.71 9.77
C ASP A 179 10.50 1.22 8.36
N TYR A 180 9.50 1.73 7.64
CA TYR A 180 9.80 2.35 6.36
C TYR A 180 8.86 3.53 6.15
N LEU A 181 9.31 4.48 5.34
CA LEU A 181 8.53 5.67 5.05
C LEU A 181 8.20 5.66 3.57
N VAL A 182 7.04 6.20 3.23
CA VAL A 182 6.62 6.29 1.83
C VAL A 182 6.44 7.76 1.48
N VAL A 183 7.13 8.19 0.44
CA VAL A 183 7.00 9.53 -0.09
C VAL A 183 6.04 9.41 -1.25
N ASN A 184 4.81 9.85 -1.00
CA ASN A 184 3.71 9.67 -1.92
C ASN A 184 3.68 10.86 -2.85
N VAL A 185 4.30 10.69 -4.02
CA VAL A 185 4.26 11.72 -5.05
C VAL A 185 3.31 11.30 -6.17
N SER A 186 2.30 10.48 -5.82
CA SER A 186 1.39 9.84 -6.80
C SER A 186 -0.13 9.93 -6.47
N SER A 187 -0.58 10.71 -5.48
CA SER A 187 -2.05 10.89 -5.32
C SER A 187 -2.57 11.72 -6.49
N PRO A 188 -3.67 11.35 -7.16
CA PRO A 188 -4.22 12.19 -8.22
C PRO A 188 -5.26 13.17 -7.68
N ASN A 189 -5.43 13.21 -6.35
CA ASN A 189 -6.47 13.99 -5.64
C ASN A 189 -5.89 15.25 -4.98
N THR A 190 -4.64 15.61 -5.21
CA THR A 190 -4.15 16.89 -4.61
C THR A 190 -3.14 17.59 -5.53
N LYS A 199 12.94 16.77 -13.39
CA LYS A 199 13.61 15.61 -12.82
C LYS A 199 14.50 16.01 -11.65
N ALA A 200 15.29 17.08 -11.86
CA ALA A 200 16.11 17.60 -10.78
C ALA A 200 15.29 18.13 -9.62
N GLU A 201 13.97 18.26 -9.80
CA GLU A 201 13.07 18.69 -8.74
C GLU A 201 12.62 17.52 -7.87
N LEU A 202 12.38 16.36 -8.48
CA LEU A 202 12.25 15.15 -7.67
C LEU A 202 13.56 14.86 -6.94
N ARG A 203 14.68 15.03 -7.64
CA ARG A 203 15.98 14.90 -7.00
C ARG A 203 16.12 15.87 -5.84
N ARG A 204 15.59 17.06 -5.98
CA ARG A 204 15.64 18.06 -4.88
C ARG A 204 14.81 17.54 -3.70
N LEU A 205 13.59 17.08 -3.97
CA LEU A 205 12.69 16.57 -2.92
C LEU A 205 13.34 15.41 -2.17
N LEU A 206 13.75 14.37 -2.90
CA LEU A 206 14.30 13.13 -2.29
C LEU A 206 15.60 13.39 -1.50
N THR A 207 16.45 14.27 -2.03
CA THR A 207 17.75 14.59 -1.36
C THR A 207 17.40 15.12 0.02
N LYS A 208 16.34 15.91 0.04
CA LYS A 208 16.00 16.53 1.32
C LYS A 208 15.33 15.54 2.28
N VAL A 209 14.49 14.64 1.79
CA VAL A 209 13.91 13.59 2.67
C VAL A 209 15.02 12.68 3.19
N LEU A 210 15.95 12.29 2.31
CA LEU A 210 16.99 11.33 2.75
C LEU A 210 17.91 12.00 3.80
N GLN A 211 18.27 13.26 3.59
CA GLN A 211 19.09 13.96 4.59
C GLN A 211 18.38 14.03 5.93
N GLU A 212 17.06 14.27 5.92
CA GLU A 212 16.32 14.28 7.18
C GLU A 212 16.26 12.87 7.78
N ARG A 213 16.11 11.86 6.93
CA ARG A 213 16.09 10.48 7.43
C ARG A 213 17.45 10.09 8.02
N ASP A 214 18.53 10.49 7.35
CA ASP A 214 19.88 10.15 7.82
C ASP A 214 20.20 10.82 9.15
N GLY A 215 19.55 11.95 9.44
CA GLY A 215 19.73 12.68 10.68
C GLY A 215 19.02 12.10 11.89
N LEU A 216 18.31 10.98 11.73
CA LEU A 216 17.65 10.30 12.84
C LEU A 216 18.60 9.28 13.50
N ARG A 217 18.44 9.10 14.81
CA ARG A 217 19.23 8.10 15.55
C ARG A 217 19.08 6.73 14.88
N ARG A 218 20.11 5.89 14.97
CA ARG A 218 20.14 4.60 14.22
C ARG A 218 18.91 3.71 14.47
N VAL A 219 18.54 3.48 15.73
CA VAL A 219 17.42 2.53 16.01
C VAL A 219 16.11 3.16 15.51
N HIS A 220 16.16 4.41 15.10
CA HIS A 220 14.96 5.15 14.71
C HIS A 220 15.05 5.60 13.26
N ARG A 221 15.86 4.92 12.45
CA ARG A 221 16.16 5.32 11.09
C ARG A 221 15.41 4.43 10.10
N PRO A 222 14.31 4.88 9.50
CA PRO A 222 13.53 4.03 8.60
C PRO A 222 14.10 4.04 7.18
N ALA A 223 13.82 2.95 6.46
CA ALA A 223 13.96 2.94 5.01
C ALA A 223 12.98 3.92 4.38
N VAL A 224 13.36 4.47 3.22
CA VAL A 224 12.53 5.46 2.52
C VAL A 224 12.16 4.91 1.15
N LEU A 225 10.87 4.86 0.87
CA LEU A 225 10.36 4.40 -0.42
C LEU A 225 9.57 5.51 -1.11
N VAL A 226 9.54 5.46 -2.44
CA VAL A 226 8.76 6.37 -3.25
C VAL A 226 7.64 5.56 -3.89
N LYS A 227 6.42 6.12 -3.86
CA LYS A 227 5.25 5.51 -4.44
C LYS A 227 4.83 6.30 -5.69
N ILE A 228 4.66 5.61 -6.80
CA ILE A 228 4.43 6.25 -8.10
C ILE A 228 3.07 5.88 -8.65
N ALA A 229 2.60 6.70 -9.58
CA ALA A 229 1.37 6.44 -10.31
C ALA A 229 1.59 5.40 -11.40
N PRO A 230 0.51 4.73 -11.83
CA PRO A 230 0.60 3.92 -13.06
C PRO A 230 0.45 4.74 -14.33
N ASP A 231 0.35 6.07 -14.20
CA ASP A 231 0.05 6.96 -15.32
C ASP A 231 1.28 7.72 -15.83
N LEU A 232 2.46 7.24 -15.47
CA LEU A 232 3.72 7.90 -15.84
C LEU A 232 4.06 7.69 -17.31
N THR A 233 4.55 8.75 -17.97
CA THR A 233 5.10 8.53 -19.31
C THR A 233 6.39 7.70 -19.21
N SER A 234 6.83 7.17 -20.36
CA SER A 234 8.08 6.41 -20.37
C SER A 234 9.23 7.27 -19.87
N GLN A 235 9.21 8.56 -20.20
CA GLN A 235 10.25 9.49 -19.78
C GLN A 235 10.25 9.65 -18.26
N ASP A 236 9.06 9.74 -17.66
CA ASP A 236 8.94 9.86 -16.21
C ASP A 236 9.53 8.64 -15.51
N LYS A 237 9.24 7.46 -16.01
CA LYS A 237 9.80 6.23 -15.38
C LYS A 237 11.33 6.21 -15.53
N GLU A 238 11.87 6.55 -16.70
CA GLU A 238 13.33 6.68 -16.93
C GLU A 238 13.91 7.62 -15.86
N ASP A 239 13.31 8.78 -15.69
CA ASP A 239 13.82 9.81 -14.76
C ASP A 239 13.68 9.35 -13.31
N ILE A 240 12.60 8.64 -13.01
CA ILE A 240 12.45 8.13 -11.65
C ILE A 240 13.47 7.03 -11.38
N ALA A 241 13.67 6.12 -12.32
CA ALA A 241 14.63 5.03 -12.09
C ALA A 241 16.03 5.60 -11.89
N SER A 242 16.39 6.62 -12.68
CA SER A 242 17.71 7.24 -12.60
C SER A 242 17.96 7.87 -11.23
N VAL A 243 17.02 8.70 -10.76
CA VAL A 243 17.18 9.39 -9.46
C VAL A 243 17.19 8.40 -8.31
N VAL A 244 16.31 7.40 -8.35
CA VAL A 244 16.25 6.43 -7.27
C VAL A 244 17.60 5.76 -7.09
N LYS A 245 18.21 5.32 -8.19
CA LYS A 245 19.53 4.66 -8.10
C LYS A 245 20.63 5.64 -7.71
N GLU A 246 20.57 6.87 -8.23
CA GLU A 246 21.58 7.86 -7.88
C GLU A 246 21.55 8.17 -6.37
N LEU A 247 20.37 8.42 -5.82
CA LEU A 247 20.30 8.83 -4.42
C LEU A 247 20.34 7.65 -3.45
N GLY A 248 20.24 6.42 -3.93
CA GLY A 248 20.15 5.28 -3.05
C GLY A 248 18.80 5.14 -2.36
N ILE A 249 17.72 5.55 -3.03
CA ILE A 249 16.38 5.29 -2.49
C ILE A 249 16.24 3.80 -2.19
N ASP A 250 15.60 3.49 -1.07
CA ASP A 250 15.55 2.11 -0.59
C ASP A 250 14.54 1.24 -1.33
N GLY A 251 13.54 1.82 -1.98
CA GLY A 251 12.62 1.01 -2.75
C GLY A 251 11.51 1.85 -3.34
N LEU A 252 10.60 1.17 -4.02
CA LEU A 252 9.48 1.78 -4.72
C LEU A 252 8.18 1.05 -4.37
N ILE A 253 7.08 1.80 -4.34
CA ILE A 253 5.74 1.22 -4.26
C ILE A 253 5.05 1.55 -5.58
N VAL A 254 4.60 0.51 -6.26
CA VAL A 254 4.16 0.52 -7.65
C VAL A 254 2.90 -0.32 -7.70
N THR A 255 1.71 0.32 -7.75
CA THR A 255 1.40 1.72 -8.02
C THR A 255 0.26 2.28 -7.17
N ASN A 256 0.11 3.60 -7.20
CA ASN A 256 -1.09 4.27 -6.69
C ASN A 256 -2.28 4.00 -7.63
N THR A 257 -3.38 4.71 -7.39
CA THR A 257 -4.54 4.57 -8.27
C THR A 257 -4.30 5.26 -9.61
N THR A 258 -5.14 4.92 -10.59
CA THR A 258 -5.02 5.49 -11.93
C THR A 258 -6.09 6.53 -12.18
N VAL A 259 -5.68 7.66 -12.78
CA VAL A 259 -6.63 8.65 -13.28
C VAL A 259 -7.07 8.34 -14.71
N SER A 260 -6.62 7.23 -15.28
CA SER A 260 -7.16 6.78 -16.55
C SER A 260 -8.48 6.05 -16.29
N ARG A 261 -9.20 5.77 -17.37
CA ARG A 261 -10.42 4.97 -17.31
C ARG A 261 -10.28 3.94 -18.42
N PRO A 262 -9.78 2.73 -18.12
CA PRO A 262 -9.62 1.73 -19.16
C PRO A 262 -10.93 1.49 -19.90
N ALA A 263 -10.82 1.28 -21.21
CA ALA A 263 -12.01 0.91 -21.96
C ALA A 263 -12.67 -0.28 -21.29
N GLY A 264 -13.99 -0.32 -21.32
CA GLY A 264 -14.71 -1.48 -20.82
C GLY A 264 -15.24 -1.36 -19.41
N LEU A 265 -14.96 -0.27 -18.69
CA LEU A 265 -15.62 -0.06 -17.41
C LEU A 265 -17.13 -0.04 -17.61
N GLN A 266 -17.86 -0.76 -16.75
CA GLN A 266 -19.33 -0.80 -16.81
C GLN A 266 -20.01 -0.02 -15.71
N GLY A 267 -19.35 0.26 -14.59
CA GLY A 267 -20.03 0.89 -13.48
C GLY A 267 -20.66 2.22 -13.88
N ALA A 268 -21.85 2.48 -13.35
CA ALA A 268 -22.54 3.74 -13.65
C ALA A 268 -21.70 4.94 -13.25
N LEU A 269 -20.89 4.81 -12.20
CA LEU A 269 -20.09 5.92 -11.69
C LEU A 269 -18.66 5.94 -12.26
N ARG A 270 -18.46 5.33 -13.41
CA ARG A 270 -17.12 5.22 -14.01
C ARG A 270 -16.51 6.57 -14.35
N SER A 271 -17.33 7.61 -14.55
CA SER A 271 -16.83 8.93 -14.92
C SER A 271 -16.72 9.89 -13.74
N GLU A 272 -16.89 9.41 -12.52
CA GLU A 272 -16.58 10.24 -11.35
C GLU A 272 -15.10 10.58 -11.30
N THR A 273 -14.81 11.83 -10.96
CA THR A 273 -13.41 12.24 -10.76
C THR A 273 -12.81 11.48 -9.58
N GLY A 274 -11.58 11.02 -9.79
CA GLY A 274 -10.85 10.34 -8.75
C GLY A 274 -9.84 9.37 -9.33
N GLY A 275 -9.15 8.68 -8.42
CA GLY A 275 -8.25 7.61 -8.80
C GLY A 275 -9.00 6.29 -8.73
N LEU A 276 -8.78 5.46 -9.76
CA LEU A 276 -9.47 4.19 -9.93
C LEU A 276 -8.57 3.05 -9.46
N SER A 277 -9.16 2.13 -8.69
CA SER A 277 -8.46 1.06 -8.02
C SER A 277 -9.16 -0.27 -8.31
N GLY A 278 -8.51 -1.36 -7.95
CA GLY A 278 -9.13 -2.66 -8.11
C GLY A 278 -8.77 -3.31 -9.44
N LYS A 279 -9.65 -4.22 -9.85
CA LYS A 279 -9.33 -5.14 -10.94
C LYS A 279 -8.98 -4.44 -12.24
N PRO A 280 -9.56 -3.30 -12.61
CA PRO A 280 -9.17 -2.65 -13.86
C PRO A 280 -7.78 -2.03 -13.81
N LEU A 281 -7.20 -1.87 -12.63
CA LEU A 281 -5.84 -1.35 -12.47
C LEU A 281 -4.80 -2.46 -12.47
N ARG A 282 -5.20 -3.72 -12.27
CA ARG A 282 -4.26 -4.79 -11.98
C ARG A 282 -3.09 -4.85 -12.96
N ASP A 283 -3.38 -5.07 -14.25
CA ASP A 283 -2.29 -5.33 -15.18
C ASP A 283 -1.54 -4.06 -15.54
N LEU A 284 -2.21 -2.90 -15.49
CA LEU A 284 -1.48 -1.65 -15.58
C LEU A 284 -0.41 -1.56 -14.50
N SER A 285 -0.75 -1.99 -13.28
N SER A 285 -0.75 -2.00 -13.29
CA SER A 285 0.22 -1.96 -12.19
CA SER A 285 0.21 -1.95 -12.19
C SER A 285 1.32 -2.98 -12.39
C SER A 285 1.31 -2.99 -12.36
N THR A 286 0.95 -4.20 -12.79
CA THR A 286 1.97 -5.23 -13.02
C THR A 286 2.96 -4.82 -14.10
N GLN A 287 2.47 -4.17 -15.15
CA GLN A 287 3.35 -3.72 -16.23
C GLN A 287 4.26 -2.59 -15.75
N THR A 288 3.79 -1.75 -14.83
CA THR A 288 4.64 -0.72 -14.26
C THR A 288 5.70 -1.32 -13.33
N ILE A 289 5.36 -2.38 -12.60
CA ILE A 289 6.35 -3.08 -11.79
C ILE A 289 7.43 -3.67 -12.69
N ARG A 290 6.99 -4.35 -13.74
CA ARG A 290 7.90 -4.97 -14.69
C ARG A 290 8.89 -3.97 -15.24
N GLU A 291 8.39 -2.81 -15.69
CA GLU A 291 9.26 -1.78 -16.25
C GLU A 291 10.26 -1.24 -15.22
N MET A 292 9.78 -0.85 -14.04
CA MET A 292 10.64 -0.25 -13.02
C MET A 292 11.73 -1.23 -12.55
N TYR A 293 11.38 -2.52 -12.39
CA TYR A 293 12.36 -3.55 -12.07
C TYR A 293 13.50 -3.57 -13.07
N ALA A 294 13.16 -3.46 -14.37
CA ALA A 294 14.15 -3.49 -15.44
C ALA A 294 14.97 -2.22 -15.48
N LEU A 295 14.32 -1.06 -15.27
CA LEU A 295 15.07 0.19 -15.30
C LEU A 295 16.02 0.27 -14.11
N THR A 296 15.70 -0.40 -12.99
CA THR A 296 16.58 -0.44 -11.82
C THR A 296 17.43 -1.71 -11.75
N GLN A 297 17.43 -2.54 -12.78
CA GLN A 297 18.29 -3.75 -12.83
C GLN A 297 18.01 -4.72 -11.69
N GLY A 298 16.79 -4.74 -11.18
CA GLY A 298 16.46 -5.63 -10.08
C GLY A 298 17.17 -5.33 -8.78
N ARG A 299 17.75 -4.13 -8.64
CA ARG A 299 18.50 -3.77 -7.44
C ARG A 299 17.68 -2.95 -6.43
N VAL A 300 16.45 -2.59 -6.75
CA VAL A 300 15.65 -1.70 -5.90
C VAL A 300 14.34 -2.41 -5.51
N PRO A 301 14.19 -2.82 -4.26
CA PRO A 301 12.96 -3.48 -3.82
C PRO A 301 11.71 -2.75 -4.31
N ILE A 302 10.73 -3.52 -4.76
CA ILE A 302 9.44 -3.00 -5.19
C ILE A 302 8.36 -3.70 -4.36
N ILE A 303 7.47 -2.90 -3.79
CA ILE A 303 6.20 -3.39 -3.26
C ILE A 303 5.15 -3.21 -4.34
N GLY A 304 4.56 -4.32 -4.78
CA GLY A 304 3.60 -4.28 -5.87
C GLY A 304 2.17 -4.16 -5.35
N VAL A 305 1.43 -3.21 -5.91
CA VAL A 305 0.04 -2.91 -5.43
C VAL A 305 -0.82 -2.51 -6.64
N GLY A 306 -2.04 -3.01 -6.66
CA GLY A 306 -2.96 -2.74 -7.77
C GLY A 306 -3.78 -3.96 -8.16
N GLY A 307 -5.02 -4.04 -7.67
CA GLY A 307 -5.90 -5.10 -8.11
C GLY A 307 -5.52 -6.51 -7.70
N VAL A 308 -4.88 -6.68 -6.57
CA VAL A 308 -4.55 -8.02 -6.08
C VAL A 308 -5.74 -8.57 -5.30
N SER A 309 -6.30 -9.68 -5.79
CA SER A 309 -7.34 -10.36 -5.05
C SER A 309 -7.15 -11.88 -4.97
N SER A 310 -6.06 -12.42 -5.52
CA SER A 310 -5.85 -13.87 -5.47
C SER A 310 -4.37 -14.17 -5.40
N GLY A 311 -4.04 -15.44 -5.14
CA GLY A 311 -2.66 -15.87 -5.20
C GLY A 311 -2.03 -15.61 -6.56
N GLN A 312 -2.79 -15.85 -7.65
CA GLN A 312 -2.25 -15.62 -8.98
C GLN A 312 -1.92 -14.15 -9.21
N ASP A 313 -2.84 -13.24 -8.84
CA ASP A 313 -2.54 -11.81 -8.88
C ASP A 313 -1.24 -11.50 -8.15
N ALA A 314 -1.09 -11.99 -6.92
CA ALA A 314 0.10 -11.70 -6.13
C ALA A 314 1.36 -12.22 -6.82
N LEU A 315 1.32 -13.48 -7.26
CA LEU A 315 2.50 -14.09 -7.87
C LEU A 315 2.88 -13.40 -9.17
N GLU A 316 1.91 -12.92 -9.95
CA GLU A 316 2.27 -12.27 -11.21
C GLU A 316 3.08 -11.01 -10.93
N LYS A 317 2.74 -10.28 -9.88
CA LYS A 317 3.53 -9.10 -9.53
C LYS A 317 4.88 -9.49 -8.95
N ILE A 318 4.93 -10.55 -8.16
CA ILE A 318 6.21 -11.04 -7.65
C ILE A 318 7.12 -11.45 -8.79
N ARG A 319 6.58 -12.24 -9.73
CA ARG A 319 7.37 -12.64 -10.88
C ARG A 319 7.79 -11.45 -11.71
N ALA A 320 6.96 -10.40 -11.78
CA ALA A 320 7.33 -9.20 -12.53
C ALA A 320 8.39 -8.36 -11.82
N GLY A 321 8.62 -8.58 -10.51
CA GLY A 321 9.69 -7.86 -9.84
C GLY A 321 9.38 -7.38 -8.44
N ALA A 322 8.18 -7.69 -7.93
CA ALA A 322 7.79 -7.26 -6.59
C ALA A 322 8.34 -8.20 -5.51
N SER A 323 8.97 -7.63 -4.48
CA SER A 323 9.37 -8.41 -3.31
C SER A 323 8.23 -8.62 -2.32
N LEU A 324 7.23 -7.75 -2.37
CA LEU A 324 6.09 -7.71 -1.48
C LEU A 324 4.92 -7.20 -2.28
N VAL A 325 3.72 -7.50 -1.79
CA VAL A 325 2.50 -7.00 -2.42
C VAL A 325 1.63 -6.38 -1.34
N GLN A 326 0.76 -5.46 -1.77
CA GLN A 326 -0.30 -4.91 -0.93
C GLN A 326 -1.63 -5.05 -1.65
N LEU A 327 -2.69 -4.98 -0.87
CA LEU A 327 -4.03 -4.86 -1.43
C LEU A 327 -4.85 -3.92 -0.56
N TYR A 328 -5.92 -3.40 -1.15
CA TYR A 328 -6.92 -2.67 -0.41
C TYR A 328 -8.31 -2.94 -1.02
N THR A 329 -8.55 -2.57 -2.28
CA THR A 329 -9.91 -2.64 -2.81
C THR A 329 -10.49 -4.06 -2.65
N ALA A 330 -9.65 -5.08 -2.80
CA ALA A 330 -10.15 -6.46 -2.66
C ALA A 330 -10.80 -6.69 -1.31
N LEU A 331 -10.25 -6.06 -0.26
CA LEU A 331 -10.87 -6.15 1.06
C LEU A 331 -12.28 -5.60 1.04
N THR A 332 -12.55 -4.61 0.18
CA THR A 332 -13.87 -3.98 0.18
C THR A 332 -14.94 -4.89 -0.41
N PHE A 333 -14.55 -5.84 -1.27
CA PHE A 333 -15.50 -6.77 -1.89
C PHE A 333 -15.54 -8.13 -1.21
N TRP A 334 -14.39 -8.66 -0.79
CA TRP A 334 -14.30 -9.99 -0.23
C TRP A 334 -14.30 -10.00 1.28
N GLY A 335 -13.92 -8.91 1.92
CA GLY A 335 -13.82 -8.87 3.37
C GLY A 335 -12.50 -9.44 3.86
N PRO A 336 -12.36 -9.56 5.17
CA PRO A 336 -11.07 -9.93 5.77
C PRO A 336 -10.57 -11.29 5.32
N PRO A 337 -11.44 -12.26 5.03
CA PRO A 337 -10.93 -13.59 4.67
C PRO A 337 -10.11 -13.60 3.37
N VAL A 338 -10.13 -12.53 2.59
CA VAL A 338 -9.31 -12.49 1.39
C VAL A 338 -7.83 -12.51 1.72
N VAL A 339 -7.44 -12.15 2.95
CA VAL A 339 -6.02 -12.16 3.28
C VAL A 339 -5.49 -13.59 3.35
N GLY A 340 -6.22 -14.46 4.05
CA GLY A 340 -5.83 -15.86 4.10
C GLY A 340 -5.96 -16.54 2.75
N LYS A 341 -6.97 -16.16 1.96
CA LYS A 341 -7.12 -16.70 0.61
C LYS A 341 -5.90 -16.38 -0.25
N VAL A 342 -5.52 -15.11 -0.34
CA VAL A 342 -4.38 -14.76 -1.17
C VAL A 342 -3.15 -15.55 -0.74
N LYS A 343 -2.93 -15.67 0.58
CA LYS A 343 -1.74 -16.34 1.08
C LYS A 343 -1.79 -17.84 0.80
N ARG A 344 -2.95 -18.46 0.95
CA ARG A 344 -3.07 -19.88 0.64
C ARG A 344 -2.81 -20.15 -0.83
N GLU A 345 -3.48 -19.39 -1.71
CA GLU A 345 -3.30 -19.58 -3.15
C GLU A 345 -1.86 -19.30 -3.58
N LEU A 346 -1.22 -18.28 -3.00
CA LEU A 346 0.15 -17.95 -3.39
C LEU A 346 1.12 -19.08 -3.04
N GLU A 347 1.04 -19.60 -1.81
CA GLU A 347 1.87 -20.73 -1.43
C GLU A 347 1.70 -21.92 -2.39
N ALA A 348 0.45 -22.28 -2.71
CA ALA A 348 0.22 -23.42 -3.57
C ALA A 348 0.81 -23.18 -4.96
N LEU A 349 0.64 -21.97 -5.47
CA LEU A 349 1.19 -21.65 -6.79
C LEU A 349 2.72 -21.71 -6.79
N LEU A 350 3.35 -21.27 -5.71
CA LEU A 350 4.81 -21.31 -5.67
C LEU A 350 5.30 -22.76 -5.78
N LYS A 351 4.70 -23.67 -4.99
CA LYS A 351 5.04 -25.08 -5.11
C LYS A 351 4.76 -25.59 -6.52
N GLU A 352 3.61 -25.22 -7.08
CA GLU A 352 3.20 -25.70 -8.38
C GLU A 352 4.16 -25.26 -9.48
N GLN A 353 4.81 -24.10 -9.33
CA GLN A 353 5.72 -23.61 -10.35
C GLN A 353 7.20 -23.84 -10.02
N GLY A 354 7.48 -24.60 -8.96
CA GLY A 354 8.84 -25.00 -8.66
C GLY A 354 9.66 -23.99 -7.88
N PHE A 355 9.03 -23.00 -7.24
CA PHE A 355 9.74 -21.98 -6.48
C PHE A 355 9.89 -22.44 -5.04
N GLY A 356 11.14 -22.50 -4.56
CA GLY A 356 11.37 -22.87 -3.18
C GLY A 356 10.62 -21.99 -2.20
N GLY A 357 10.49 -20.71 -2.53
CA GLY A 357 9.76 -19.78 -1.69
C GLY A 357 9.54 -18.50 -2.47
N VAL A 358 8.89 -17.54 -1.83
CA VAL A 358 8.63 -16.25 -2.46
C VAL A 358 9.93 -15.62 -2.96
N THR A 359 11.00 -15.68 -2.14
CA THR A 359 12.26 -15.04 -2.54
C THR A 359 12.71 -15.50 -3.92
N ASP A 360 12.62 -16.81 -4.18
CA ASP A 360 13.06 -17.34 -5.46
C ASP A 360 12.23 -16.80 -6.61
N ALA A 361 10.99 -16.42 -6.36
CA ALA A 361 10.10 -16.01 -7.44
C ALA A 361 10.30 -14.55 -7.85
N ILE A 362 10.96 -13.75 -7.02
CA ILE A 362 11.03 -12.31 -7.26
C ILE A 362 11.75 -12.06 -8.58
N GLY A 363 11.10 -11.34 -9.49
CA GLY A 363 11.71 -11.06 -10.78
C GLY A 363 11.91 -12.26 -11.69
N ALA A 364 11.35 -13.43 -11.35
CA ALA A 364 11.57 -14.63 -12.15
C ALA A 364 11.24 -14.44 -13.63
N ASP A 365 10.28 -13.56 -13.96
CA ASP A 365 9.91 -13.40 -15.38
C ASP A 365 11.07 -12.84 -16.20
N HIS A 366 11.90 -12.00 -15.60
CA HIS A 366 13.00 -11.34 -16.30
C HIS A 366 14.17 -12.28 -16.58
N ARG A 367 14.21 -13.46 -15.96
CA ARG A 367 15.26 -14.45 -16.16
C ARG A 367 14.85 -15.58 -17.09
N ARG A 368 13.60 -15.62 -17.53
CA ARG A 368 13.09 -16.71 -18.35
C ARG A 368 13.53 -16.59 -19.81
N1 ORO B . -6.45 8.67 -3.12
C2 ORO B . -5.70 7.79 -3.83
O2 ORO B . -6.20 7.01 -4.65
N3 ORO B . -4.35 7.82 -3.59
C4 ORO B . -3.70 8.65 -2.71
O4 ORO B . -2.47 8.59 -2.61
C5 ORO B . -4.54 9.56 -1.99
C6 ORO B . -5.88 9.53 -2.20
C7 ORO B . -6.83 10.46 -1.54
O71 ORO B . -7.74 10.95 -2.20
O72 ORO B . -6.61 10.74 -0.30
HN1 ORO B . -7.29 8.69 -3.23
HN3 ORO B . -3.86 7.27 -4.03
H5 ORO B . -4.17 10.16 -1.38
C01 A1AVV C . -13.62 2.20 0.63
C01 A1AVV C . -13.58 2.31 0.51
C02 A1AVV C . -13.53 1.17 1.74
C02 A1AVV C . -13.53 1.28 1.62
C05 A1AVV C . -14.40 -1.00 2.75
C05 A1AVV C . -14.41 -0.89 2.61
C06 A1AVV C . -13.24 -1.43 3.39
C06 A1AVV C . -13.25 -1.36 3.20
C07 A1AVV C . -13.30 -2.43 4.34
C07 A1AVV C . -13.31 -2.33 4.17
C08 A1AVV C . -14.51 -3.00 4.64
C08 A1AVV C . -14.54 -2.84 4.54
C09 A1AVV C . -14.57 -4.10 5.67
C09 A1AVV C . -14.59 -3.91 5.60
C10 A1AVV C . -14.66 -4.92 6.51
C10 A1AVV C . -14.64 -4.71 6.46
C11 A1AVV C . -14.74 -5.84 7.69
C11 A1AVV C . -14.61 -5.60 7.68
C12 A1AVV C . -14.12 -5.44 8.86
C12 A1AVV C . -15.37 -6.74 7.74
C13 A1AVV C . -14.15 -6.24 9.96
C13 A1AVV C . -15.28 -7.50 8.88
C15 A1AVV C . -14.81 -7.45 9.92
C15 A1AVV C . -14.48 -7.15 9.93
C16 A1AVV C . -15.44 -7.85 8.76
C16 A1AVV C . -13.74 -5.99 9.87
C17 A1AVV C . -15.41 -7.05 7.64
C17 A1AVV C . -13.81 -5.21 8.74
C18 A1AVV C . -15.66 -2.58 4.02
C18 A1AVV C . -15.70 -2.38 3.96
C19 A1AVV C . -15.61 -1.59 3.08
C19 A1AVV C . -15.64 -1.41 2.99
N04 A1AVV C . -14.42 0.04 1.74
N04 A1AVV C . -14.41 0.13 1.57
N14 A1AVV C . -13.49 -5.78 11.17
N14 A1AVV C . -16.05 -8.72 9.00
O03 A1AVV C . -12.72 1.32 2.57
O03 A1AVV C . -12.77 1.42 2.51
H012 A1AVV C . -13.84 3.18 1.05
H012 A1AVV C . -13.82 3.29 0.92
H011 A1AVV C . -14.42 1.92 -0.06
H011 A1AVV C . -14.33 2.03 -0.21
H013 A1AVV C . -12.68 2.25 0.09
H013 A1AVV C . -12.60 2.37 0.03
H061 A1AVV C . -12.29 -0.98 3.14
H061 A1AVV C . -12.29 -0.96 2.90
H071 A1AVV C . -12.40 -2.75 4.83
H071 A1AVV C . -12.40 -2.70 4.64
H121 A1AVV C . -13.61 -4.48 8.89
H121 A1AVV C . -15.99 -7.04 6.91
H151 A1AVV C . -14.83 -8.09 10.79
H151 A1AVV C . -14.45 -7.77 10.82
H161 A1AVV C . -15.95 -8.81 8.72
H161 A1AVV C . -13.10 -5.71 10.70
H171 A1AVV C . -15.90 -7.36 6.72
H171 A1AVV C . -13.22 -4.30 8.67
H181 A1AVV C . -16.62 -3.04 4.28
H181 A1AVV C . -16.66 -2.78 4.27
H191 A1AVV C . -16.52 -1.26 2.57
H191 A1AVV C . -16.55 -1.04 2.52
H041 A1AVV C . -15.09 -0.05 0.99
H041 A1AVV C . -15.04 0.04 0.81
H141 A1AVV C . -12.83 -5.02 11.12
H141 A1AVV C . -17.02 -8.71 8.80
H142 A1AVV C . -13.70 -6.21 12.04
H142 A1AVV C . -15.60 -9.57 9.29
S SO4 D . -12.39 -24.80 5.75
O1 SO4 D . -13.06 -25.33 4.56
O2 SO4 D . -11.94 -23.43 5.49
O3 SO4 D . -13.30 -24.82 6.89
O4 SO4 D . -11.21 -25.63 6.04
C1 GOL E . -13.54 11.49 11.58
O1 GOL E . -14.48 10.89 12.42
C2 GOL E . -12.50 10.41 11.16
O2 GOL E . -11.48 10.97 10.45
C3 GOL E . -12.09 9.76 12.48
O3 GOL E . -12.94 8.64 12.65
H11 GOL E . -13.07 12.23 12.01
H12 GOL E . -13.95 11.88 10.80
H2 GOL E . -12.91 9.75 10.57
H31 GOL E . -12.15 10.42 13.19
H32 GOL E . -11.15 9.51 12.44
HO3 GOL E . -13.74 8.91 12.52
C1 GOL F . -15.91 -11.54 -4.92
O1 GOL F . -16.81 -10.44 -4.78
C2 GOL F . -16.52 -12.68 -5.69
O2 GOL F . -15.50 -13.41 -6.37
C3 GOL F . -17.34 -13.62 -4.84
O3 GOL F . -18.05 -14.56 -5.64
H11 GOL F . -15.62 -11.87 -4.05
H12 GOL F . -15.09 -11.26 -5.35
HO1 GOL F . -16.46 -9.92 -4.20
H2 GOL F . -17.08 -12.32 -6.41
HO2 GOL F . -15.65 -14.23 -6.23
H31 GOL F . -17.90 -13.11 -4.26
H32 GOL F . -16.73 -14.09 -4.25
HO3 GOL F . -18.49 -15.06 -5.11
CL CL G . -9.35 -5.98 -16.53
S SO4 H . -12.66 10.28 -20.21
O1 SO4 H . -13.73 9.56 -20.91
O2 SO4 H . -12.17 11.36 -21.06
O3 SO4 H . -13.16 10.83 -18.96
O4 SO4 H . -11.57 9.34 -19.93
N1 FMN I . -2.49 5.52 -1.44
C2 FMN I . -1.70 6.36 -0.77
O2 FMN I . -0.53 6.35 -1.02
N3 FMN I . -2.15 7.25 0.07
C4 FMN I . -3.42 7.33 0.39
O4 FMN I . -3.76 8.12 1.23
C4A FMN I . -4.41 6.41 -0.28
N5 FMN I . -5.71 6.41 -0.06
C5A FMN I . -6.52 5.54 -0.69
C6 FMN I . -7.87 5.52 -0.44
C7 FMN I . -8.72 4.66 -1.09
C7M FMN I . -10.18 4.67 -0.81
C8 FMN I . -8.20 3.71 -2.08
C8M FMN I . -9.14 2.76 -2.78
C9 FMN I . -6.86 3.72 -2.32
C9A FMN I . -5.99 4.58 -1.66
N10 FMN I . -4.61 4.57 -1.93
C10 FMN I . -3.79 5.48 -1.25
C1' FMN I . -4.04 3.66 -2.90
C2' FMN I . -3.83 2.28 -2.35
O2' FMN I . -2.88 2.36 -1.35
C3' FMN I . -3.39 1.37 -3.52
O3' FMN I . -2.22 1.87 -4.06
C4' FMN I . -4.45 1.22 -4.64
O4' FMN I . -5.77 1.43 -4.25
C5' FMN I . -4.23 -0.07 -5.43
O5' FMN I . -4.42 -1.19 -4.71
P FMN I . -5.81 -1.93 -4.69
O1P FMN I . -6.19 -1.98 -6.03
O2P FMN I . -5.53 -3.19 -4.11
O3P FMN I . -6.66 -1.17 -3.85
HN3 FMN I . -1.47 7.87 0.55
H6 FMN I . -8.28 6.22 0.27
HM71 FMN I . -10.66 5.34 -1.47
HM72 FMN I . -10.34 4.98 0.18
HM73 FMN I . -10.57 3.70 -0.94
HM81 FMN I . -9.13 1.82 -2.30
HM82 FMN I . -8.83 2.64 -3.79
HM83 FMN I . -10.12 3.15 -2.77
H9 FMN I . -6.45 3.02 -3.04
H1'1 FMN I . -4.71 3.61 -3.77
H1'2 FMN I . -3.08 4.07 -3.24
H2' FMN I . -4.79 1.92 -1.94
HO2' FMN I . -2.41 3.20 -1.42
H3' FMN I . -3.20 0.37 -3.10
HO3' FMN I . -2.43 2.40 -4.84
H4' FMN I . -4.22 2.03 -5.34
HO4' FMN I . -5.94 0.99 -3.40
H5'1 FMN I . -4.91 -0.08 -6.28
H5'2 FMN I . -3.21 -0.07 -5.82
C1 GOL J . 0.59 15.26 -4.76
O1 GOL J . -0.80 15.35 -5.03
C2 GOL J . 1.01 13.86 -4.38
O2 GOL J . 2.40 13.74 -4.58
C3 GOL J . 0.66 13.49 -2.96
O3 GOL J . 1.61 13.92 -2.01
H11 GOL J . 0.82 15.88 -4.02
H12 GOL J . 1.10 15.55 -5.56
HO1 GOL J . -0.91 15.70 -5.79
H2 GOL J . 0.56 13.23 -4.99
HO2 GOL J . 2.56 13.78 -5.40
H31 GOL J . 0.59 12.49 -2.91
H32 GOL J . -0.22 13.86 -2.74
HO3 GOL J . 1.28 14.56 -1.57
#